data_1GUC
#
_entry.id   1GUC
#
_cell.length_a   1.000
_cell.length_b   1.000
_cell.length_c   1.000
_cell.angle_alpha   90.00
_cell.angle_beta   90.00
_cell.angle_gamma   90.00
#
_symmetry.space_group_name_H-M   'P 1'
#
_entity_poly.entity_id   1
_entity_poly.type   'polyribonucleotide'
_entity_poly.pdbx_seq_one_letter_code
;GAGGUCUC
;
_entity_poly.pdbx_strand_id   A,B
#